data_5UMG
#
_entry.id   5UMG
#
_cell.length_a   78.313
_cell.length_b   78.313
_cell.length_c   150.324
_cell.angle_alpha   90.000
_cell.angle_beta   90.000
_cell.angle_gamma   90.000
#
_symmetry.space_group_name_H-M   'P 43 21 2'
#
loop_
_entity.id
_entity.type
_entity.pdbx_description
1 polymer 'Dihydropteroate synthase'
2 non-polymer GLYCEROL
3 water water
#
_entity_poly.entity_id   1
_entity_poly.type   'polypeptide(L)'
_entity_poly.pdbx_seq_one_letter_code
;(MSE)KLVAQGSTLDLSHPHV(MSE)GILNVTPDSFSDGGAHNSLIEAVKHANL(MSE)INAGATIIDIGGESTRPGAAE
VSVEEELARVIPVVEAIAQRFEVWISVDTSKAEVIRQSARAGAHIINDIRSLTEPGALQAAAETGLPVCL(MSE)H
(MSE)QGQPKT(MSE)QEAPKYEDVFADVERFFNEHIVRCEQAGIAKEKLLLDPGFGFGKNLSHNYQLLARLGEFHHFGL
PLLVG(MSE)SRKS(MSE)VGQLLNVGPSERLNGSLACAVIAA(MSE)QGAQIIRVHDVKETVEALRVVEATLAAKGKKR
YE
;
_entity_poly.pdbx_strand_id   A,B
#
loop_
_chem_comp.id
_chem_comp.type
_chem_comp.name
_chem_comp.formula
GOL non-polymer GLYCEROL 'C3 H8 O3'
#
# COMPACT_ATOMS: atom_id res chain seq x y z
N MSE A 1 -17.53 2.37 16.16
CA MSE A 1 -17.16 1.07 16.68
C MSE A 1 -16.05 1.20 17.72
O MSE A 1 -15.03 1.84 17.47
CB MSE A 1 -16.73 0.14 15.56
CG MSE A 1 -16.42 -1.28 16.00
SE MSE A 1 -16.38 -2.50 14.49
CE MSE A 1 -18.24 -2.34 13.92
N LYS A 2 -16.25 0.57 18.89
CA LYS A 2 -15.33 0.73 20.00
C LYS A 2 -14.90 -0.61 20.58
N LEU A 3 -14.23 -0.56 21.73
CA LEU A 3 -13.83 -1.77 22.46
C LEU A 3 -13.45 -1.34 23.86
N VAL A 4 -14.10 -1.91 24.87
CA VAL A 4 -13.92 -1.51 26.26
C VAL A 4 -13.19 -2.61 27.01
N ALA A 5 -12.22 -2.21 27.83
CA ALA A 5 -11.43 -3.13 28.63
C ALA A 5 -10.61 -2.33 29.63
N GLN A 6 -10.58 -2.81 30.88
CA GLN A 6 -9.78 -2.20 31.95
C GLN A 6 -10.12 -0.73 32.18
N GLY A 7 -11.37 -0.36 31.89
CA GLY A 7 -11.84 0.99 32.09
C GLY A 7 -11.64 1.92 30.91
N SER A 8 -10.59 1.71 30.13
CA SER A 8 -10.32 2.53 28.96
C SER A 8 -10.97 1.93 27.72
N THR A 9 -11.22 2.79 26.74
CA THR A 9 -11.85 2.40 25.49
C THR A 9 -10.87 2.52 24.33
N LEU A 10 -11.10 1.74 23.28
CA LEU A 10 -10.28 1.74 22.08
C LEU A 10 -11.15 2.15 20.90
N ASP A 11 -10.92 3.36 20.38
CA ASP A 11 -11.70 3.88 19.27
C ASP A 11 -11.22 3.22 17.99
N LEU A 12 -12.02 2.28 17.47
CA LEU A 12 -11.70 1.55 16.26
C LEU A 12 -12.23 2.24 15.00
N SER A 13 -12.48 3.54 15.06
CA SER A 13 -12.89 4.28 13.88
C SER A 13 -11.74 4.51 12.90
N HIS A 14 -10.50 4.36 13.37
CA HIS A 14 -9.31 4.50 12.56
C HIS A 14 -8.42 3.27 12.75
N PRO A 15 -7.58 2.95 11.76
CA PRO A 15 -6.72 1.77 11.89
C PRO A 15 -5.72 1.93 13.03
N HIS A 16 -5.56 0.86 13.80
CA HIS A 16 -4.60 0.80 14.88
C HIS A 16 -3.47 -0.16 14.52
N VAL A 17 -2.24 0.23 14.85
CA VAL A 17 -1.06 -0.59 14.57
C VAL A 17 -0.71 -1.36 15.84
N MSE A 18 -0.73 -2.69 15.73
CA MSE A 18 -0.39 -3.54 16.86
C MSE A 18 1.05 -4.06 16.74
O MSE A 18 1.37 -4.80 15.83
CB MSE A 18 -1.36 -4.72 16.96
CG MSE A 18 -0.99 -5.76 17.98
SE MSE A 18 -2.22 -7.26 18.01
CE MSE A 18 -3.80 -6.37 18.72
N GLY A 19 1.90 -3.65 17.69
CA GLY A 19 3.27 -4.12 17.70
C GLY A 19 3.39 -5.53 18.24
N ILE A 20 4.47 -6.20 17.82
CA ILE A 20 4.73 -7.59 18.19
C ILE A 20 5.88 -7.60 19.19
N LEU A 21 5.57 -7.93 20.44
CA LEU A 21 6.55 -8.02 21.52
C LEU A 21 6.66 -9.48 21.94
N ASN A 22 7.65 -10.17 21.40
CA ASN A 22 7.87 -11.58 21.70
C ASN A 22 8.77 -11.72 22.93
N VAL A 23 8.43 -12.66 23.80
CA VAL A 23 9.20 -12.91 25.00
C VAL A 23 9.35 -14.40 25.25
N SER A 36 16.89 -8.22 32.14
CA SER A 36 16.49 -8.93 30.94
C SER A 36 15.02 -8.66 30.60
N LEU A 37 14.20 -8.50 31.64
CA LEU A 37 12.79 -8.15 31.46
C LEU A 37 12.59 -6.67 31.20
N ILE A 38 13.66 -5.87 31.20
CA ILE A 38 13.57 -4.47 30.86
C ILE A 38 13.80 -4.22 29.38
N GLU A 39 14.37 -5.18 28.66
CA GLU A 39 14.50 -5.05 27.21
C GLU A 39 13.14 -5.10 26.52
N ALA A 40 12.20 -5.86 27.08
CA ALA A 40 10.83 -5.83 26.56
C ALA A 40 10.15 -4.51 26.88
N VAL A 41 10.56 -3.85 27.96
CA VAL A 41 10.03 -2.52 28.27
C VAL A 41 10.62 -1.48 27.34
N LYS A 42 11.92 -1.59 27.04
CA LYS A 42 12.53 -0.69 26.07
C LYS A 42 11.94 -0.92 24.68
N HIS A 43 11.82 -2.18 24.26
CA HIS A 43 11.25 -2.48 22.95
C HIS A 43 9.81 -2.00 22.86
N ALA A 44 9.08 -2.02 23.97
CA ALA A 44 7.73 -1.45 23.98
C ALA A 44 7.79 0.06 23.92
N ASN A 45 8.79 0.67 24.56
CA ASN A 45 8.93 2.13 24.51
C ASN A 45 9.19 2.60 23.10
N LEU A 46 9.93 1.82 22.31
CA LEU A 46 10.22 2.19 20.94
C LEU A 46 8.96 2.16 20.08
N MSE A 47 8.18 1.10 20.21
CA MSE A 47 6.98 0.92 19.38
C MSE A 47 5.90 1.96 19.69
O MSE A 47 5.24 2.47 18.78
CB MSE A 47 6.41 -0.49 19.58
CG MSE A 47 7.24 -1.57 18.94
SE MSE A 47 6.55 -3.37 19.27
CE MSE A 47 7.53 -4.30 17.87
N ILE A 48 5.74 2.28 20.98
CA ILE A 48 4.76 3.29 21.37
C ILE A 48 5.13 4.65 20.78
N ASN A 49 6.42 5.01 20.84
CA ASN A 49 6.85 6.24 20.21
C ASN A 49 6.74 6.18 18.69
N ALA A 50 6.83 4.97 18.12
CA ALA A 50 6.70 4.79 16.69
C ALA A 50 5.25 4.85 16.23
N GLY A 51 4.28 4.85 17.15
CA GLY A 51 2.88 4.93 16.81
C GLY A 51 2.04 3.71 17.13
N ALA A 52 2.60 2.73 17.83
CA ALA A 52 1.85 1.52 18.15
C ALA A 52 0.81 1.81 19.23
N THR A 53 -0.45 1.50 18.94
CA THR A 53 -1.53 1.65 19.91
C THR A 53 -1.69 0.41 20.78
N ILE A 54 -1.58 -0.78 20.19
CA ILE A 54 -1.66 -2.04 20.92
C ILE A 54 -0.30 -2.73 20.82
N ILE A 55 0.02 -3.51 21.84
CA ILE A 55 1.26 -4.27 21.89
C ILE A 55 0.92 -5.72 22.21
N ASP A 56 1.29 -6.62 21.30
CA ASP A 56 0.97 -8.04 21.45
C ASP A 56 2.14 -8.77 22.10
N ILE A 57 1.85 -9.49 23.18
CA ILE A 57 2.86 -10.22 23.95
C ILE A 57 2.63 -11.71 23.77
N GLY A 58 3.70 -12.45 23.52
CA GLY A 58 3.60 -13.89 23.33
C GLY A 58 4.80 -14.65 23.85
N GLY A 59 4.55 -15.75 24.55
CA GLY A 59 5.63 -16.58 25.05
C GLY A 59 5.56 -18.00 24.51
N GLU A 60 5.02 -18.15 23.30
CA GLU A 60 4.88 -19.46 22.66
C GLU A 60 4.10 -20.44 23.52
N GLU A 68 7.39 -26.74 24.19
CA GLU A 68 6.22 -26.76 25.05
C GLU A 68 6.50 -26.10 26.40
N VAL A 69 6.32 -24.78 26.44
CA VAL A 69 6.57 -24.02 27.66
C VAL A 69 5.54 -24.42 28.72
N SER A 70 6.02 -24.67 29.94
CA SER A 70 5.15 -25.02 31.04
C SER A 70 4.36 -23.79 31.51
N VAL A 71 3.39 -24.04 32.38
CA VAL A 71 2.54 -22.95 32.87
C VAL A 71 3.33 -22.00 33.75
N GLU A 72 4.18 -22.54 34.64
CA GLU A 72 4.96 -21.69 35.52
C GLU A 72 5.99 -20.88 34.75
N GLU A 73 6.49 -21.41 33.63
CA GLU A 73 7.48 -20.68 32.84
C GLU A 73 6.83 -19.60 31.99
N GLU A 74 5.64 -19.87 31.45
CA GLU A 74 4.96 -18.86 30.63
C GLU A 74 4.44 -17.71 31.48
N LEU A 75 3.92 -18.01 32.67
CA LEU A 75 3.49 -16.96 33.58
C LEU A 75 4.65 -16.07 33.98
N ALA A 76 5.86 -16.64 34.10
CA ALA A 76 7.04 -15.86 34.43
C ALA A 76 7.56 -15.03 33.26
N ARG A 77 7.26 -15.45 32.02
CA ARG A 77 7.71 -14.68 30.87
C ARG A 77 6.80 -13.49 30.59
N VAL A 78 5.49 -13.69 30.70
CA VAL A 78 4.53 -12.71 30.19
C VAL A 78 4.13 -11.69 31.24
N ILE A 79 3.81 -12.13 32.45
CA ILE A 79 3.16 -11.29 33.45
C ILE A 79 4.04 -10.13 33.91
N PRO A 80 5.30 -10.33 34.31
CA PRO A 80 6.12 -9.17 34.68
C PRO A 80 6.32 -8.18 33.55
N VAL A 81 6.14 -8.61 32.30
CA VAL A 81 6.18 -7.67 31.19
C VAL A 81 4.85 -6.95 31.04
N VAL A 82 3.73 -7.66 31.28
CA VAL A 82 2.41 -7.04 31.20
C VAL A 82 2.25 -5.99 32.30
N GLU A 83 2.66 -6.32 33.52
CA GLU A 83 2.53 -5.37 34.63
C GLU A 83 3.39 -4.13 34.39
N ALA A 84 4.61 -4.32 33.86
CA ALA A 84 5.48 -3.18 33.60
C ALA A 84 4.90 -2.25 32.55
N ILE A 85 4.27 -2.81 31.51
CA ILE A 85 3.67 -1.97 30.48
C ILE A 85 2.35 -1.38 30.97
N ALA A 86 1.58 -2.12 31.77
CA ALA A 86 0.28 -1.63 32.21
C ALA A 86 0.41 -0.48 33.20
N GLN A 87 1.41 -0.55 34.09
CA GLN A 87 1.54 0.45 35.14
C GLN A 87 2.40 1.64 34.71
N ARG A 88 3.01 1.61 33.53
CA ARG A 88 3.86 2.69 33.07
C ARG A 88 3.30 3.39 31.83
N PHE A 89 3.00 2.63 30.77
CA PHE A 89 2.52 3.23 29.54
C PHE A 89 0.99 3.25 29.51
N GLU A 90 0.44 3.89 28.48
CA GLU A 90 -1.00 4.04 28.33
C GLU A 90 -1.53 3.33 27.08
N VAL A 91 -0.83 2.30 26.61
CA VAL A 91 -1.24 1.57 25.41
C VAL A 91 -1.99 0.32 25.83
N TRP A 92 -2.78 -0.21 24.91
CA TRP A 92 -3.49 -1.46 25.14
C TRP A 92 -2.55 -2.65 24.99
N ILE A 93 -2.85 -3.72 25.73
CA ILE A 93 -2.02 -4.91 25.78
C ILE A 93 -2.86 -6.10 25.38
N SER A 94 -2.35 -6.89 24.43
CA SER A 94 -2.98 -8.15 24.04
C SER A 94 -2.01 -9.28 24.31
N VAL A 95 -2.52 -10.37 24.88
CA VAL A 95 -1.70 -11.50 25.31
C VAL A 95 -2.01 -12.68 24.39
N ASP A 96 -0.97 -13.27 23.81
CA ASP A 96 -1.09 -14.43 22.94
C ASP A 96 -0.75 -15.68 23.75
N THR A 97 -1.72 -16.14 24.52
CA THR A 97 -1.57 -17.34 25.34
C THR A 97 -2.77 -18.24 25.16
N SER A 98 -2.54 -19.55 25.30
CA SER A 98 -3.60 -20.54 25.19
C SER A 98 -3.90 -21.24 26.51
N LYS A 99 -3.16 -20.94 27.56
CA LYS A 99 -3.35 -21.56 28.86
C LYS A 99 -4.36 -20.76 29.67
N ALA A 100 -5.30 -21.47 30.30
CA ALA A 100 -6.40 -20.80 31.00
C ALA A 100 -5.89 -19.95 32.16
N GLU A 101 -4.87 -20.45 32.88
CA GLU A 101 -4.38 -19.70 34.03
C GLU A 101 -3.68 -18.42 33.60
N VAL A 102 -2.98 -18.45 32.46
CA VAL A 102 -2.34 -17.24 31.96
C VAL A 102 -3.38 -16.22 31.52
N ILE A 103 -4.52 -16.69 31.00
CA ILE A 103 -5.58 -15.78 30.59
C ILE A 103 -6.17 -15.06 31.80
N ARG A 104 -6.47 -15.83 32.86
CA ARG A 104 -7.04 -15.23 34.06
C ARG A 104 -6.03 -14.38 34.83
N GLN A 105 -4.74 -14.64 34.67
CA GLN A 105 -3.71 -13.87 35.34
C GLN A 105 -3.31 -12.62 34.57
N SER A 106 -3.30 -12.69 33.24
CA SER A 106 -2.95 -11.53 32.44
C SER A 106 -3.99 -10.42 32.60
N ALA A 107 -5.27 -10.79 32.65
CA ALA A 107 -6.31 -9.80 32.92
C ALA A 107 -6.10 -9.15 34.28
N ARG A 108 -5.64 -9.93 35.26
CA ARG A 108 -5.36 -9.38 36.58
C ARG A 108 -4.16 -8.45 36.57
N ALA A 109 -3.27 -8.59 35.59
CA ALA A 109 -2.08 -7.76 35.50
C ALA A 109 -2.33 -6.44 34.78
N GLY A 110 -3.33 -6.38 33.91
CA GLY A 110 -3.64 -5.17 33.20
C GLY A 110 -3.83 -5.35 31.70
N ALA A 111 -3.91 -6.59 31.25
CA ALA A 111 -4.10 -6.87 29.84
C ALA A 111 -5.51 -6.49 29.41
N HIS A 112 -5.63 -6.09 28.14
CA HIS A 112 -6.91 -5.64 27.59
C HIS A 112 -7.56 -6.66 26.67
N ILE A 113 -6.80 -7.32 25.82
CA ILE A 113 -7.33 -8.23 24.81
C ILE A 113 -6.72 -9.60 25.00
N ILE A 114 -7.55 -10.64 24.89
CA ILE A 114 -7.11 -12.02 24.91
C ILE A 114 -6.97 -12.47 23.46
N ASN A 115 -5.74 -12.51 22.97
CA ASN A 115 -5.47 -12.80 21.57
C ASN A 115 -4.87 -14.20 21.45
N ASP A 116 -5.68 -15.20 21.75
CA ASP A 116 -5.21 -16.58 21.70
C ASP A 116 -5.12 -17.06 20.25
N ILE A 117 -4.04 -17.77 19.95
CA ILE A 117 -3.84 -18.29 18.60
C ILE A 117 -4.73 -19.50 18.34
N ARG A 118 -5.13 -20.22 19.38
CA ARG A 118 -6.00 -21.38 19.25
C ARG A 118 -7.46 -21.04 19.46
N SER A 119 -7.80 -19.76 19.60
CA SER A 119 -9.19 -19.32 19.75
C SER A 119 -9.86 -19.97 20.95
N LEU A 120 -9.10 -20.10 22.04
CA LEU A 120 -9.60 -20.58 23.33
C LEU A 120 -10.15 -22.01 23.25
N THR A 121 -9.58 -22.85 22.40
CA THR A 121 -9.99 -24.25 22.32
C THR A 121 -9.27 -25.14 23.31
N GLU A 122 -8.27 -24.61 24.02
CA GLU A 122 -7.57 -25.39 25.02
C GLU A 122 -8.45 -25.59 26.25
N PRO A 123 -8.21 -26.66 27.03
CA PRO A 123 -9.02 -26.90 28.24
C PRO A 123 -9.11 -25.71 29.19
N GLY A 124 -10.34 -25.23 29.41
CA GLY A 124 -10.59 -24.15 30.35
C GLY A 124 -10.30 -22.77 29.85
N ALA A 125 -9.72 -22.62 28.64
CA ALA A 125 -9.37 -21.29 28.16
C ALA A 125 -10.59 -20.46 27.82
N LEU A 126 -11.68 -21.11 27.39
CA LEU A 126 -12.89 -20.37 27.04
C LEU A 126 -13.55 -19.77 28.28
N GLN A 127 -13.76 -20.59 29.32
CA GLN A 127 -14.40 -20.10 30.52
C GLN A 127 -13.49 -19.13 31.29
N ALA A 128 -12.18 -19.34 31.23
CA ALA A 128 -11.26 -18.42 31.89
C ALA A 128 -11.35 -17.02 31.29
N ALA A 129 -11.40 -16.94 29.96
CA ALA A 129 -11.56 -15.65 29.30
C ALA A 129 -12.95 -15.08 29.50
N ALA A 130 -13.95 -15.92 29.80
CA ALA A 130 -15.28 -15.42 30.09
C ALA A 130 -15.34 -14.74 31.46
N GLU A 131 -14.57 -15.25 32.43
CA GLU A 131 -14.53 -14.62 33.75
C GLU A 131 -13.86 -13.26 33.69
N THR A 132 -12.90 -13.07 32.77
CA THR A 132 -12.18 -11.81 32.70
C THR A 132 -13.04 -10.71 32.09
N GLY A 133 -14.00 -11.06 31.23
CA GLY A 133 -14.79 -10.06 30.57
C GLY A 133 -14.04 -9.22 29.56
N LEU A 134 -12.88 -9.71 29.07
CA LEU A 134 -12.04 -9.01 28.11
C LEU A 134 -12.44 -9.38 26.68
N PRO A 135 -12.20 -8.47 25.73
CA PRO A 135 -12.43 -8.82 24.33
C PRO A 135 -11.55 -9.98 23.89
N VAL A 136 -12.12 -10.86 23.06
CA VAL A 136 -11.45 -12.07 22.60
C VAL A 136 -11.37 -12.02 21.08
N CYS A 137 -10.19 -12.32 20.54
CA CYS A 137 -9.98 -12.39 19.11
C CYS A 137 -10.05 -13.84 18.65
N LEU A 138 -10.82 -14.08 17.59
CA LEU A 138 -10.99 -15.40 17.01
C LEU A 138 -10.25 -15.47 15.69
N MSE A 139 -9.27 -16.36 15.60
CA MSE A 139 -8.47 -16.50 14.40
C MSE A 139 -8.68 -17.85 13.73
O MSE A 139 -8.58 -18.89 14.38
CB MSE A 139 -6.98 -16.31 14.71
CG MSE A 139 -6.08 -16.54 13.51
SE MSE A 139 -4.18 -16.51 13.93
CE MSE A 139 -4.05 -14.72 14.69
N HIS A 140 -8.96 -17.83 12.43
CA HIS A 140 -9.13 -19.08 11.69
C HIS A 140 -7.80 -19.78 11.49
N MSE A 141 -7.82 -21.10 11.63
CA MSE A 141 -6.61 -21.91 11.50
C MSE A 141 -6.95 -23.31 10.97
O MSE A 141 -8.03 -23.81 11.22
CB MSE A 141 -5.89 -22.01 12.84
CG MSE A 141 -4.49 -22.59 12.78
SE MSE A 141 -3.60 -22.53 14.50
CE MSE A 141 -4.89 -23.55 15.55
N GLN A 142 -6.01 -23.90 10.23
CA GLN A 142 -6.25 -25.22 9.66
C GLN A 142 -6.40 -26.27 10.74
N GLY A 143 -5.49 -26.29 11.72
CA GLY A 143 -5.55 -27.26 12.79
C GLY A 143 -4.20 -27.51 13.44
N GLN A 144 -3.13 -27.29 12.69
CA GLN A 144 -1.77 -27.45 13.21
C GLN A 144 -1.25 -26.12 13.73
N PRO A 145 -1.22 -25.92 15.07
CA PRO A 145 -0.77 -24.69 15.70
C PRO A 145 0.69 -24.37 15.43
N PRO A 152 -2.29 -27.26 2.51
CA PRO A 152 -3.71 -27.51 2.80
C PRO A 152 -4.55 -27.54 1.54
N LYS A 153 -5.84 -27.84 1.68
CA LYS A 153 -6.77 -27.86 0.55
C LYS A 153 -8.12 -27.36 1.02
N TYR A 154 -8.57 -26.25 0.46
CA TYR A 154 -9.87 -25.65 0.78
C TYR A 154 -10.74 -25.68 -0.47
N GLU A 155 -11.98 -26.14 -0.32
CA GLU A 155 -12.94 -25.99 -1.40
C GLU A 155 -13.22 -24.51 -1.66
N ASP A 156 -13.35 -23.72 -0.61
CA ASP A 156 -13.47 -22.27 -0.70
C ASP A 156 -12.98 -21.71 0.62
N VAL A 157 -11.75 -21.17 0.61
CA VAL A 157 -11.13 -20.73 1.86
C VAL A 157 -11.93 -19.60 2.50
N PHE A 158 -12.56 -18.75 1.69
CA PHE A 158 -13.40 -17.69 2.23
C PHE A 158 -14.62 -18.27 2.94
N ALA A 159 -15.20 -19.34 2.39
CA ALA A 159 -16.34 -19.97 3.02
C ALA A 159 -15.96 -20.66 4.32
N ASP A 160 -14.76 -21.26 4.36
CA ASP A 160 -14.32 -21.94 5.57
C ASP A 160 -14.01 -20.95 6.69
N VAL A 161 -13.33 -19.84 6.36
CA VAL A 161 -13.07 -18.81 7.35
C VAL A 161 -14.38 -18.21 7.84
N GLU A 162 -15.35 -18.02 6.92
CA GLU A 162 -16.67 -17.56 7.32
C GLU A 162 -17.36 -18.61 8.19
N ARG A 163 -17.13 -19.89 7.89
CA ARG A 163 -17.69 -20.96 8.70
C ARG A 163 -17.04 -21.00 10.09
N PHE A 164 -15.72 -20.82 10.15
CA PHE A 164 -15.01 -20.85 11.42
C PHE A 164 -15.50 -19.73 12.34
N PHE A 165 -15.84 -18.57 11.77
CA PHE A 165 -16.31 -17.46 12.58
C PHE A 165 -17.68 -17.74 13.18
N ASN A 166 -18.61 -18.24 12.35
CA ASN A 166 -19.96 -18.51 12.85
C ASN A 166 -19.96 -19.57 13.94
N GLU A 167 -19.06 -20.56 13.83
CA GLU A 167 -19.04 -21.63 14.84
C GLU A 167 -18.49 -21.13 16.17
N HIS A 168 -17.43 -20.33 16.14
CA HIS A 168 -16.78 -19.88 17.36
C HIS A 168 -17.41 -18.63 17.96
N ILE A 169 -18.16 -17.86 17.17
CA ILE A 169 -18.92 -16.75 17.74
C ILE A 169 -20.03 -17.29 18.63
N VAL A 170 -20.73 -18.34 18.17
CA VAL A 170 -21.74 -18.98 19.00
C VAL A 170 -21.09 -19.63 20.22
N ARG A 171 -19.90 -20.21 20.04
CA ARG A 171 -19.22 -20.83 21.16
C ARG A 171 -18.83 -19.82 22.22
N CYS A 172 -18.50 -18.59 21.80
CA CYS A 172 -18.22 -17.54 22.78
C CYS A 172 -19.51 -16.96 23.36
N GLU A 173 -20.57 -16.88 22.54
CA GLU A 173 -21.84 -16.36 23.04
C GLU A 173 -22.46 -17.32 24.05
N GLN A 174 -22.38 -18.62 23.81
CA GLN A 174 -22.93 -19.62 24.71
C GLN A 174 -22.05 -19.87 25.93
N ALA A 175 -20.97 -19.12 26.10
CA ALA A 175 -20.10 -19.24 27.26
C ALA A 175 -20.12 -17.98 28.12
N GLY A 176 -20.96 -17.01 27.79
CA GLY A 176 -21.07 -15.77 28.53
C GLY A 176 -20.41 -14.59 27.87
N ILE A 177 -19.53 -14.81 26.89
CA ILE A 177 -18.84 -13.73 26.21
C ILE A 177 -19.79 -13.11 25.19
N ALA A 178 -20.03 -11.80 25.32
CA ALA A 178 -20.94 -11.11 24.43
C ALA A 178 -20.30 -10.89 23.07
N LYS A 179 -21.15 -10.60 22.08
CA LYS A 179 -20.66 -10.32 20.73
C LYS A 179 -19.86 -9.02 20.68
N GLU A 180 -20.19 -8.06 21.54
CA GLU A 180 -19.48 -6.78 21.54
C GLU A 180 -18.01 -6.91 21.89
N LYS A 181 -17.62 -8.02 22.51
CA LYS A 181 -16.22 -8.21 22.90
C LYS A 181 -15.56 -9.30 22.06
N LEU A 182 -15.73 -9.23 20.75
CA LEU A 182 -15.21 -10.24 19.84
C LEU A 182 -14.47 -9.58 18.68
N LEU A 183 -13.32 -10.15 18.34
CA LEU A 183 -12.54 -9.74 17.18
C LEU A 183 -12.44 -10.92 16.21
N LEU A 184 -12.23 -10.59 14.93
CA LEU A 184 -12.12 -11.59 13.88
C LEU A 184 -10.79 -11.47 13.17
N ASP A 185 -10.15 -12.62 12.94
CA ASP A 185 -8.86 -12.67 12.25
C ASP A 185 -8.93 -13.79 11.22
N PRO A 186 -8.73 -13.49 9.93
CA PRO A 186 -8.71 -14.57 8.93
C PRO A 186 -7.56 -15.54 9.12
N GLY A 187 -6.50 -15.14 9.82
CA GLY A 187 -5.38 -16.01 10.06
C GLY A 187 -4.53 -16.26 8.83
N PHE A 188 -3.90 -15.21 8.31
CA PHE A 188 -3.05 -15.34 7.14
C PHE A 188 -1.84 -16.20 7.46
N GLY A 189 -1.51 -17.12 6.54
CA GLY A 189 -0.35 -17.97 6.68
C GLY A 189 -0.54 -19.21 7.51
N PHE A 190 -1.60 -19.29 8.29
CA PHE A 190 -1.85 -20.45 9.16
C PHE A 190 -2.65 -21.49 8.38
N GLY A 191 -1.97 -22.49 7.84
CA GLY A 191 -2.63 -23.51 7.06
C GLY A 191 -3.25 -22.98 5.78
N LYS A 192 -2.55 -22.09 5.08
CA LYS A 192 -3.03 -21.49 3.84
C LYS A 192 -1.86 -21.29 2.90
N ASN A 193 -2.01 -21.72 1.65
CA ASN A 193 -0.98 -21.48 0.66
C ASN A 193 -1.05 -20.03 0.16
N LEU A 194 -0.19 -19.69 -0.79
CA LEU A 194 -0.15 -18.32 -1.29
C LEU A 194 -1.46 -17.93 -1.97
N SER A 195 -2.12 -18.89 -2.63
CA SER A 195 -3.38 -18.59 -3.28
C SER A 195 -4.48 -18.31 -2.27
N HIS A 196 -4.54 -19.11 -1.19
CA HIS A 196 -5.59 -18.91 -0.20
C HIS A 196 -5.47 -17.57 0.50
N ASN A 197 -4.24 -17.12 0.75
CA ASN A 197 -4.04 -15.88 1.50
C ASN A 197 -4.52 -14.66 0.72
N TYR A 198 -4.22 -14.59 -0.59
CA TYR A 198 -4.63 -13.45 -1.39
C TYR A 198 -6.09 -13.50 -1.78
N GLN A 199 -6.72 -14.67 -1.74
CA GLN A 199 -8.18 -14.72 -1.88
C GLN A 199 -8.85 -14.09 -0.67
N LEU A 200 -8.27 -14.25 0.51
CA LEU A 200 -8.80 -13.63 1.71
C LEU A 200 -8.46 -12.14 1.78
N LEU A 201 -7.26 -11.77 1.34
CA LEU A 201 -6.87 -10.36 1.35
C LEU A 201 -7.67 -9.56 0.33
N ALA A 202 -7.99 -10.16 -0.82
CA ALA A 202 -8.78 -9.45 -1.82
C ALA A 202 -10.23 -9.27 -1.37
N ARG A 203 -10.74 -10.19 -0.55
CA ARG A 203 -12.11 -10.14 -0.05
C ARG A 203 -12.16 -9.86 1.45
N LEU A 204 -11.15 -9.15 1.97
CA LEU A 204 -11.10 -8.90 3.40
C LEU A 204 -12.25 -8.01 3.86
N GLY A 205 -12.63 -7.03 3.05
CA GLY A 205 -13.73 -6.15 3.42
C GLY A 205 -15.06 -6.85 3.55
N GLU A 206 -15.23 -7.99 2.90
CA GLU A 206 -16.49 -8.73 3.00
C GLU A 206 -16.71 -9.33 4.38
N PHE A 207 -15.65 -9.44 5.19
CA PHE A 207 -15.78 -9.95 6.55
C PHE A 207 -16.40 -8.93 7.50
N HIS A 208 -16.74 -7.74 7.02
CA HIS A 208 -17.36 -6.73 7.87
C HIS A 208 -18.83 -7.01 8.17
N HIS A 209 -19.44 -7.98 7.48
CA HIS A 209 -20.86 -8.25 7.69
C HIS A 209 -21.14 -8.85 9.06
N PHE A 210 -20.14 -9.42 9.73
CA PHE A 210 -20.31 -9.88 11.09
C PHE A 210 -20.47 -8.74 12.08
N GLY A 211 -20.24 -7.50 11.67
CA GLY A 211 -20.29 -6.37 12.58
C GLY A 211 -19.19 -6.34 13.61
N LEU A 212 -18.17 -7.18 13.46
CA LEU A 212 -17.07 -7.29 14.41
C LEU A 212 -15.81 -6.66 13.85
N PRO A 213 -14.94 -6.13 14.71
CA PRO A 213 -13.67 -5.57 14.23
C PRO A 213 -12.78 -6.66 13.65
N LEU A 214 -11.93 -6.25 12.71
CA LEU A 214 -11.04 -7.16 12.00
C LEU A 214 -9.60 -6.90 12.40
N LEU A 215 -8.91 -7.96 12.80
CA LEU A 215 -7.48 -7.93 13.07
C LEU A 215 -6.77 -8.79 12.04
N VAL A 216 -5.73 -8.25 11.42
CA VAL A 216 -4.98 -8.95 10.40
C VAL A 216 -3.50 -8.86 10.74
N GLY A 217 -2.77 -9.96 10.52
CA GLY A 217 -1.34 -9.99 10.69
C GLY A 217 -0.66 -10.54 9.46
N MSE A 218 0.13 -9.71 8.79
CA MSE A 218 0.73 -10.10 7.52
C MSE A 218 2.21 -9.74 7.43
O MSE A 218 2.82 -9.86 6.37
CB MSE A 218 -0.03 -9.45 6.37
CG MSE A 218 -1.44 -9.96 6.20
SE MSE A 218 -2.54 -8.76 5.15
CE MSE A 218 -2.37 -7.19 6.29
N SER A 219 2.78 -9.29 8.55
CA SER A 219 4.15 -8.80 8.54
C SER A 219 5.15 -9.94 8.40
N ARG A 220 6.01 -9.84 7.39
CA ARG A 220 7.13 -10.75 7.18
C ARG A 220 6.69 -12.20 7.00
N LYS A 221 5.46 -12.44 6.57
CA LYS A 221 4.96 -13.80 6.42
C LYS A 221 5.30 -14.36 5.04
N SER A 222 4.84 -15.58 4.78
CA SER A 222 5.22 -16.28 3.55
C SER A 222 4.54 -15.70 2.32
N MSE A 223 3.49 -14.91 2.48
CA MSE A 223 2.84 -14.26 1.34
C MSE A 223 3.81 -13.34 0.64
O MSE A 223 3.90 -13.34 -0.60
CB MSE A 223 1.63 -13.45 1.79
CG MSE A 223 0.56 -14.25 2.50
SE MSE A 223 -0.55 -13.02 3.51
CE MSE A 223 0.87 -12.31 4.63
N VAL A 224 4.55 -12.55 1.42
CA VAL A 224 5.53 -11.64 0.84
C VAL A 224 6.77 -12.41 0.39
N GLY A 225 7.18 -13.41 1.15
CA GLY A 225 8.40 -14.14 0.82
C GLY A 225 8.27 -14.95 -0.45
N GLN A 226 7.24 -15.80 -0.52
CA GLN A 226 7.10 -16.69 -1.66
C GLN A 226 6.64 -15.95 -2.92
N LEU A 227 6.01 -14.80 -2.77
CA LEU A 227 5.61 -14.02 -3.95
C LEU A 227 6.77 -13.23 -4.53
N LEU A 228 7.61 -12.64 -3.66
CA LEU A 228 8.74 -11.86 -4.08
C LEU A 228 10.02 -12.68 -4.20
N ASN A 229 10.00 -13.94 -3.77
CA ASN A 229 11.19 -14.80 -3.71
C ASN A 229 12.30 -14.11 -2.90
N VAL A 230 11.94 -13.70 -1.68
CA VAL A 230 12.84 -12.95 -0.82
C VAL A 230 12.89 -13.60 0.56
N GLY A 231 13.94 -13.28 1.30
CA GLY A 231 14.11 -13.78 2.64
C GLY A 231 13.34 -12.99 3.66
N PRO A 232 13.37 -13.45 4.91
CA PRO A 232 12.61 -12.77 5.97
C PRO A 232 13.08 -11.35 6.25
N SER A 233 14.31 -11.00 5.90
CA SER A 233 14.83 -9.67 6.17
C SER A 233 14.38 -8.64 5.14
N GLU A 234 14.04 -9.08 3.93
CA GLU A 234 13.67 -8.16 2.85
C GLU A 234 12.19 -8.31 2.49
N ARG A 235 11.31 -8.18 3.48
CA ARG A 235 9.88 -8.32 3.26
C ARG A 235 9.09 -7.08 3.69
N LEU A 236 9.78 -6.00 4.08
CA LEU A 236 9.07 -4.82 4.56
C LEU A 236 8.22 -4.19 3.47
N ASN A 237 8.75 -4.13 2.24
CA ASN A 237 8.01 -3.49 1.15
C ASN A 237 6.72 -4.23 0.85
N GLY A 238 6.77 -5.56 0.79
CA GLY A 238 5.55 -6.33 0.57
C GLY A 238 4.63 -6.33 1.77
N SER A 239 5.20 -6.28 2.98
CA SER A 239 4.37 -6.23 4.18
C SER A 239 3.63 -4.91 4.29
N LEU A 240 4.28 -3.81 3.89
CA LEU A 240 3.59 -2.52 3.87
C LEU A 240 2.45 -2.52 2.87
N ALA A 241 2.64 -3.16 1.71
CA ALA A 241 1.57 -3.24 0.73
C ALA A 241 0.38 -4.01 1.27
N CYS A 242 0.63 -5.13 1.97
CA CYS A 242 -0.47 -5.88 2.56
C CYS A 242 -1.18 -5.06 3.64
N ALA A 243 -0.42 -4.31 4.44
CA ALA A 243 -1.04 -3.49 5.48
C ALA A 243 -1.88 -2.38 4.86
N VAL A 244 -1.39 -1.76 3.79
CA VAL A 244 -2.17 -0.71 3.12
C VAL A 244 -3.41 -1.30 2.48
N ILE A 245 -3.27 -2.44 1.79
CA ILE A 245 -4.41 -3.09 1.17
C ILE A 245 -5.47 -3.44 2.21
N ALA A 246 -5.04 -3.98 3.36
CA ALA A 246 -5.98 -4.32 4.41
C ALA A 246 -6.65 -3.07 5.00
N ALA A 247 -5.87 -2.00 5.19
CA ALA A 247 -6.43 -0.78 5.77
C ALA A 247 -7.41 -0.10 4.82
N MSE A 248 -7.21 -0.24 3.51
N MSE A 248 -7.20 -0.23 3.51
CA MSE A 248 -8.12 0.34 2.54
CA MSE A 248 -8.12 0.34 2.53
C MSE A 248 -9.48 -0.34 2.57
C MSE A 248 -9.49 -0.32 2.64
O MSE A 248 -10.49 0.24 2.15
O MSE A 248 -10.51 0.31 2.34
CB MSE A 248 -7.53 0.26 1.13
CB MSE A 248 -7.58 0.15 1.11
CG MSE A 248 -6.35 1.19 0.88
CG MSE A 248 -6.36 0.99 0.77
SE MSE A 248 -6.86 2.95 0.22
SE MSE A 248 -5.75 0.66 -1.05
CE MSE A 248 -7.26 3.83 1.90
CE MSE A 248 -7.31 1.34 -2.01
N GLN A 249 -9.51 -1.58 3.06
CA GLN A 249 -10.74 -2.35 3.19
C GLN A 249 -11.35 -2.27 4.58
N GLY A 250 -10.88 -1.34 5.43
CA GLY A 250 -11.49 -1.12 6.72
C GLY A 250 -10.97 -1.95 7.86
N ALA A 251 -9.81 -2.59 7.71
CA ALA A 251 -9.25 -3.38 8.80
C ALA A 251 -8.86 -2.47 9.95
N GLN A 252 -9.29 -2.84 11.16
CA GLN A 252 -9.13 -1.95 12.30
C GLN A 252 -7.77 -2.10 12.97
N ILE A 253 -7.25 -3.32 13.07
CA ILE A 253 -5.99 -3.58 13.75
C ILE A 253 -5.05 -4.28 12.78
N ILE A 254 -3.82 -3.78 12.67
CA ILE A 254 -2.80 -4.34 11.81
C ILE A 254 -1.64 -4.76 12.71
N ARG A 255 -1.39 -6.06 12.79
CA ARG A 255 -0.30 -6.60 13.61
C ARG A 255 0.96 -6.69 12.74
N VAL A 256 1.97 -5.89 13.08
CA VAL A 256 3.19 -5.80 12.30
C VAL A 256 4.40 -5.80 13.23
N HIS A 257 5.55 -6.15 12.66
CA HIS A 257 6.83 -6.02 13.35
C HIS A 257 7.39 -4.61 13.22
N ASP A 258 7.36 -4.04 12.02
CA ASP A 258 7.87 -2.70 11.76
C ASP A 258 6.75 -1.71 12.00
N VAL A 259 6.74 -1.10 13.18
CA VAL A 259 5.65 -0.20 13.53
C VAL A 259 5.82 1.17 12.88
N LYS A 260 7.06 1.68 12.84
CA LYS A 260 7.29 3.02 12.31
C LYS A 260 6.87 3.12 10.85
N GLU A 261 7.29 2.15 10.02
CA GLU A 261 6.94 2.19 8.61
C GLU A 261 5.45 1.95 8.40
N THR A 262 4.83 1.12 9.23
CA THR A 262 3.40 0.84 9.07
C THR A 262 2.55 2.02 9.48
N VAL A 263 2.92 2.70 10.57
CA VAL A 263 2.19 3.88 11.00
C VAL A 263 2.21 4.96 9.91
N GLU A 264 3.37 5.13 9.27
CA GLU A 264 3.47 6.12 8.21
C GLU A 264 2.64 5.72 7.00
N ALA A 265 2.59 4.42 6.69
CA ALA A 265 1.83 3.96 5.53
C ALA A 265 0.32 4.05 5.78
N LEU A 266 -0.14 3.58 6.93
CA LEU A 266 -1.55 3.72 7.25
C LEU A 266 -1.94 5.18 7.46
N ARG A 267 -0.97 6.05 7.73
CA ARG A 267 -1.28 7.47 7.86
C ARG A 267 -1.68 8.07 6.52
N VAL A 268 -1.07 7.64 5.43
CA VAL A 268 -1.54 8.04 4.10
C VAL A 268 -2.90 7.42 3.82
N VAL A 269 -3.13 6.19 4.30
CA VAL A 269 -4.44 5.54 4.13
C VAL A 269 -5.53 6.35 4.82
N GLU A 270 -5.25 6.88 6.02
CA GLU A 270 -6.23 7.68 6.73
C GLU A 270 -6.59 8.94 5.96
N ALA A 271 -5.59 9.62 5.39
CA ALA A 271 -5.85 10.83 4.62
C ALA A 271 -6.65 10.53 3.36
N THR A 272 -6.49 9.33 2.80
CA THR A 272 -7.25 8.96 1.61
C THR A 272 -8.69 8.62 1.95
N LEU A 273 -8.92 7.87 3.04
CA LEU A 273 -10.28 7.54 3.44
C LEU A 273 -11.03 8.77 3.95
N ALA A 274 -10.32 9.72 4.58
CA ALA A 274 -10.97 10.92 5.09
C ALA A 274 -11.53 11.76 3.93
N ALA A 275 -10.72 11.99 2.90
CA ALA A 275 -11.19 12.72 1.73
C ALA A 275 -12.19 11.93 0.91
N LYS A 276 -12.40 10.66 1.22
CA LYS A 276 -13.34 9.81 0.49
C LYS A 276 -14.71 9.76 1.15
N GLY A 277 -14.75 9.64 2.47
CA GLY A 277 -16.01 9.61 3.21
C GLY A 277 -16.58 8.22 3.35
N LYS A 279 -16.30 5.09 3.59
CA LYS A 279 -14.90 5.13 3.96
C LYS A 279 -14.29 3.73 3.94
N ARG A 280 -14.47 3.05 2.81
CA ARG A 280 -13.92 1.71 2.62
C ARG A 280 -13.97 1.32 1.15
N TYR A 281 -12.86 0.83 0.61
CA TYR A 281 -12.82 0.44 -0.79
C TYR A 281 -13.35 -0.97 -0.98
N GLU A 282 -14.00 -1.19 -2.13
CA GLU A 282 -14.62 -2.48 -2.41
C GLU A 282 -14.80 -2.67 -3.92
N MSE B 1 -6.25 -3.15 -22.70
CA MSE B 1 -5.74 -1.81 -22.99
C MSE B 1 -4.24 -1.86 -23.28
O MSE B 1 -3.46 -2.43 -22.51
CB MSE B 1 -6.02 -0.87 -21.82
CG MSE B 1 -5.74 0.59 -22.12
SE MSE B 1 -6.34 1.75 -20.69
CE MSE B 1 -8.23 1.25 -20.67
N LYS B 2 -3.84 -1.25 -24.40
CA LYS B 2 -2.47 -1.33 -24.88
C LYS B 2 -1.96 0.08 -25.21
N LEU B 3 -0.70 0.13 -25.63
CA LEU B 3 -0.07 1.36 -26.10
C LEU B 3 0.98 0.96 -27.12
N VAL B 4 0.90 1.55 -28.31
CA VAL B 4 1.76 1.17 -29.44
C VAL B 4 2.70 2.32 -29.75
N ALA B 5 3.99 2.01 -29.87
CA ALA B 5 5.01 3.00 -30.20
C ALA B 5 6.30 2.32 -30.64
N GLN B 6 6.88 2.80 -31.75
CA GLN B 6 8.17 2.31 -32.25
C GLN B 6 8.13 0.81 -32.53
N GLY B 7 6.99 0.33 -33.03
CA GLY B 7 6.83 -1.06 -33.41
C GLY B 7 6.51 -2.01 -32.27
N SER B 8 6.72 -1.61 -31.03
CA SER B 8 6.45 -2.46 -29.88
C SER B 8 5.20 -1.97 -29.14
N THR B 9 4.56 -2.89 -28.43
CA THR B 9 3.37 -2.61 -27.65
C THR B 9 3.67 -2.67 -26.16
N LEU B 10 2.82 -2.00 -25.38
CA LEU B 10 2.94 -1.96 -23.93
C LEU B 10 1.62 -2.42 -23.34
N ASP B 11 1.57 -3.67 -22.89
CA ASP B 11 0.34 -4.23 -22.33
C ASP B 11 0.07 -3.58 -20.98
N LEU B 12 -0.90 -2.67 -20.95
CA LEU B 12 -1.26 -1.95 -19.73
C LEU B 12 -2.33 -2.68 -18.91
N SER B 13 -2.41 -4.00 -19.03
CA SER B 13 -3.34 -4.76 -18.21
C SER B 13 -2.85 -4.92 -16.78
N HIS B 14 -1.56 -4.72 -16.55
CA HIS B 14 -0.94 -4.79 -15.24
C HIS B 14 -0.20 -3.49 -14.97
N PRO B 15 0.00 -3.14 -13.70
CA PRO B 15 0.71 -1.89 -13.41
C PRO B 15 2.16 -1.94 -13.84
N HIS B 16 2.62 -0.83 -14.44
CA HIS B 16 4.01 -0.65 -14.81
C HIS B 16 4.64 0.40 -13.91
N VAL B 17 5.94 0.26 -13.67
CA VAL B 17 6.70 1.19 -12.84
C VAL B 17 7.57 2.05 -13.76
N MSE B 18 7.41 3.37 -13.63
CA MSE B 18 8.18 4.31 -14.44
C MSE B 18 9.31 4.92 -13.63
O MSE B 18 9.08 5.70 -12.69
CB MSE B 18 7.27 5.40 -14.99
CG MSE B 18 7.99 6.51 -15.74
SE MSE B 18 6.78 7.86 -16.46
CE MSE B 18 5.92 6.81 -17.84
N GLY B 19 10.55 4.57 -13.97
CA GLY B 19 11.70 5.12 -13.28
C GLY B 19 12.01 6.53 -13.76
N ILE B 20 12.44 7.37 -12.82
CA ILE B 20 12.72 8.78 -13.09
C ILE B 20 14.21 8.94 -13.36
N LEU B 21 14.54 9.46 -14.54
CA LEU B 21 15.93 9.69 -14.94
C LEU B 21 16.08 11.17 -15.28
N ASN B 22 16.68 11.93 -14.38
CA ASN B 22 16.90 13.36 -14.57
C ASN B 22 18.33 13.58 -15.04
N VAL B 23 18.49 14.42 -16.06
CA VAL B 23 19.79 14.75 -16.63
C VAL B 23 20.15 16.22 -16.42
N THR B 24 19.39 16.94 -15.60
CA THR B 24 19.65 18.35 -15.34
C THR B 24 20.70 18.51 -14.26
N HIS B 34 29.75 14.98 -21.28
CA HIS B 34 30.25 14.77 -19.93
C HIS B 34 30.13 13.29 -19.54
N ASN B 35 30.50 12.97 -18.31
CA ASN B 35 30.29 11.64 -17.78
C ASN B 35 28.81 11.37 -17.47
N SER B 36 27.96 12.39 -17.57
CA SER B 36 26.54 12.20 -17.28
C SER B 36 25.89 11.22 -18.24
N LEU B 37 26.38 11.13 -19.48
CA LEU B 37 25.84 10.16 -20.43
C LEU B 37 26.05 8.74 -19.92
N ILE B 38 27.26 8.44 -19.42
CA ILE B 38 27.51 7.11 -18.88
C ILE B 38 26.94 7.00 -17.47
N GLU B 39 26.90 8.09 -16.71
CA GLU B 39 26.36 8.05 -15.35
C GLU B 39 24.86 7.85 -15.35
N ALA B 40 24.17 8.30 -16.41
CA ALA B 40 22.73 8.09 -16.52
C ALA B 40 22.42 6.70 -17.07
N VAL B 41 23.29 6.15 -17.91
CA VAL B 41 23.09 4.79 -18.39
C VAL B 41 23.22 3.79 -17.25
N LYS B 42 24.18 4.03 -16.33
CA LYS B 42 24.29 3.19 -15.15
C LYS B 42 23.03 3.27 -14.29
N HIS B 43 22.50 4.48 -14.11
CA HIS B 43 21.27 4.63 -13.34
C HIS B 43 20.09 3.99 -14.06
N ALA B 44 20.06 4.03 -15.38
CA ALA B 44 19.02 3.32 -16.13
C ALA B 44 19.17 1.81 -15.98
N ASN B 45 20.41 1.32 -15.95
CA ASN B 45 20.64 -0.10 -15.80
C ASN B 45 20.15 -0.62 -14.46
N LEU B 46 20.24 0.21 -13.41
CA LEU B 46 19.78 -0.20 -12.09
C LEU B 46 18.26 -0.35 -12.05
N MSE B 47 17.55 0.65 -12.56
CA MSE B 47 16.09 0.66 -12.51
C MSE B 47 15.48 -0.44 -13.38
O MSE B 47 14.50 -1.07 -12.99
CB MSE B 47 15.56 2.03 -12.95
CG MSE B 47 15.78 3.12 -11.93
SE MSE B 47 15.27 4.89 -12.56
CE MSE B 47 14.88 5.72 -10.84
N ILE B 48 16.09 -0.68 -14.54
CA ILE B 48 15.63 -1.77 -15.41
C ILE B 48 15.81 -3.11 -14.72
N ASN B 49 16.95 -3.31 -14.06
CA ASN B 49 17.15 -4.53 -13.28
C ASN B 49 16.21 -4.60 -12.10
N ALA B 50 15.82 -3.44 -11.56
CA ALA B 50 14.88 -3.41 -10.44
C ALA B 50 13.44 -3.68 -10.86
N GLY B 51 13.15 -3.61 -12.15
CA GLY B 51 11.81 -3.91 -12.64
C GLY B 51 11.11 -2.75 -13.32
N ALA B 52 11.84 -1.68 -13.62
CA ALA B 52 11.24 -0.53 -14.28
C ALA B 52 10.99 -0.84 -15.74
N THR B 53 9.72 -0.80 -16.16
CA THR B 53 9.38 -1.02 -17.56
C THR B 53 9.57 0.25 -18.39
N ILE B 54 9.29 1.42 -17.81
CA ILE B 54 9.44 2.68 -18.50
C ILE B 54 10.45 3.55 -17.76
N ILE B 55 11.16 4.39 -18.49
CA ILE B 55 12.13 5.32 -17.93
C ILE B 55 11.80 6.71 -18.42
N ASP B 56 11.56 7.64 -17.49
CA ASP B 56 11.16 9.00 -17.82
C ASP B 56 12.40 9.89 -17.83
N ILE B 57 12.74 10.41 -19.00
CA ILE B 57 13.92 11.25 -19.18
C ILE B 57 13.48 12.71 -19.23
N GLY B 58 14.07 13.54 -18.37
CA GLY B 58 13.75 14.95 -18.34
C GLY B 58 14.95 15.82 -18.01
N GLY B 59 15.21 16.83 -18.83
CA GLY B 59 16.34 17.70 -18.61
C GLY B 59 16.01 19.18 -18.69
N GLU B 60 15.17 19.65 -17.77
CA GLU B 60 14.78 21.05 -17.74
C GLU B 60 14.54 21.52 -16.31
N GLU B 68 16.13 29.00 -17.47
CA GLU B 68 15.63 28.08 -18.47
C GLU B 68 16.78 27.32 -19.14
N VAL B 69 16.53 26.84 -20.36
CA VAL B 69 17.53 26.11 -21.11
C VAL B 69 17.24 26.26 -22.59
N SER B 70 18.28 26.51 -23.38
CA SER B 70 18.11 26.66 -24.82
C SER B 70 17.75 25.32 -25.46
N VAL B 71 17.20 25.40 -26.67
CA VAL B 71 16.90 24.19 -27.43
C VAL B 71 18.18 23.42 -27.72
N GLU B 72 19.27 24.14 -28.02
CA GLU B 72 20.55 23.48 -28.23
C GLU B 72 21.10 22.91 -26.92
N GLU B 73 20.95 23.64 -25.82
CA GLU B 73 21.45 23.17 -24.53
C GLU B 73 20.64 22.00 -24.00
N GLU B 74 19.43 21.78 -24.52
CA GLU B 74 18.57 20.69 -24.07
C GLU B 74 18.65 19.46 -24.98
N LEU B 75 18.84 19.67 -26.29
CA LEU B 75 18.98 18.53 -27.20
C LEU B 75 20.23 17.71 -26.90
N ALA B 76 21.30 18.36 -26.44
CA ALA B 76 22.53 17.66 -26.14
C ALA B 76 22.48 16.90 -24.81
N ARG B 77 21.51 17.21 -23.96
CA ARG B 77 21.36 16.52 -22.68
C ARG B 77 20.33 15.40 -22.73
N VAL B 78 19.51 15.32 -23.76
CA VAL B 78 18.41 14.37 -23.84
C VAL B 78 18.64 13.34 -24.94
N ILE B 79 19.02 13.79 -26.14
CA ILE B 79 19.13 12.89 -27.28
C ILE B 79 20.13 11.75 -27.04
N PRO B 80 21.37 12.01 -26.60
CA PRO B 80 22.30 10.88 -26.40
C PRO B 80 21.83 9.90 -25.34
N VAL B 81 21.05 10.35 -24.36
CA VAL B 81 20.53 9.42 -23.36
C VAL B 81 19.38 8.59 -23.94
N VAL B 82 18.57 9.20 -24.81
CA VAL B 82 17.47 8.47 -25.43
C VAL B 82 18.02 7.41 -26.39
N GLU B 83 19.07 7.75 -27.14
CA GLU B 83 19.65 6.80 -28.08
C GLU B 83 20.35 5.66 -27.35
N ALA B 84 21.03 5.97 -26.24
CA ALA B 84 21.77 4.94 -25.51
C ALA B 84 20.82 3.90 -24.92
N ILE B 85 19.72 4.36 -24.29
CA ILE B 85 18.79 3.44 -23.67
C ILE B 85 18.02 2.64 -24.72
N ALA B 86 17.66 3.29 -25.83
CA ALA B 86 16.89 2.60 -26.87
C ALA B 86 17.72 1.56 -27.60
N GLN B 87 19.04 1.73 -27.64
CA GLN B 87 19.91 0.78 -28.33
C GLN B 87 20.42 -0.32 -27.42
N ARG B 88 20.59 -0.05 -26.13
CA ARG B 88 21.19 -1.02 -25.22
C ARG B 88 20.18 -1.76 -24.35
N PHE B 89 18.94 -1.28 -24.27
CA PHE B 89 17.94 -1.87 -23.39
C PHE B 89 16.63 -2.06 -24.14
N GLU B 90 15.70 -2.75 -23.48
CA GLU B 90 14.40 -3.10 -24.05
C GLU B 90 13.26 -2.49 -23.25
N VAL B 91 13.42 -1.24 -22.83
CA VAL B 91 12.42 -0.56 -22.02
C VAL B 91 11.89 0.63 -22.79
N TRP B 92 10.64 1.00 -22.49
CA TRP B 92 10.04 2.18 -23.10
C TRP B 92 10.65 3.45 -22.50
N ILE B 93 10.74 4.48 -23.33
CA ILE B 93 11.35 5.75 -22.95
C ILE B 93 10.31 6.84 -23.10
N SER B 94 10.09 7.60 -22.03
CA SER B 94 9.23 8.78 -22.07
C SER B 94 10.09 10.02 -21.81
N VAL B 95 9.91 11.03 -22.65
CA VAL B 95 10.71 12.26 -22.59
C VAL B 95 9.83 13.38 -22.04
N ASP B 96 10.32 14.06 -21.01
CA ASP B 96 9.62 15.18 -20.41
C ASP B 96 10.25 16.47 -20.94
N THR B 97 9.66 17.01 -22.00
CA THR B 97 10.14 18.25 -22.59
C THR B 97 8.95 19.02 -23.16
N SER B 98 9.09 20.34 -23.19
CA SER B 98 8.05 21.20 -23.72
C SER B 98 8.41 21.81 -25.07
N LYS B 99 9.63 21.62 -25.55
CA LYS B 99 10.05 22.20 -26.81
C LYS B 99 9.65 21.31 -27.98
N ALA B 100 9.15 21.92 -29.04
CA ALA B 100 8.68 21.15 -30.20
C ALA B 100 9.82 20.42 -30.88
N GLU B 101 11.04 20.96 -30.82
CA GLU B 101 12.16 20.33 -31.52
C GLU B 101 12.63 19.07 -30.77
N VAL B 102 12.68 19.13 -29.44
CA VAL B 102 13.10 17.97 -28.66
C VAL B 102 12.11 16.82 -28.83
N ILE B 103 10.83 17.15 -28.94
CA ILE B 103 9.80 16.12 -29.14
C ILE B 103 10.02 15.42 -30.47
N ARG B 104 10.27 16.19 -31.54
CA ARG B 104 10.49 15.59 -32.85
C ARG B 104 11.83 14.87 -32.92
N GLN B 105 12.83 15.34 -32.18
CA GLN B 105 14.14 14.69 -32.18
C GLN B 105 14.11 13.41 -31.35
N SER B 106 13.39 13.42 -30.22
CA SER B 106 13.37 12.24 -29.35
C SER B 106 12.66 11.07 -30.02
N ALA B 107 11.61 11.35 -30.80
CA ALA B 107 10.88 10.28 -31.46
C ALA B 107 11.77 9.54 -32.46
N ARG B 108 12.58 10.27 -33.22
CA ARG B 108 13.50 9.63 -34.16
C ARG B 108 14.66 8.96 -33.44
N ALA B 109 14.98 9.40 -32.22
CA ALA B 109 16.04 8.77 -31.45
C ALA B 109 15.60 7.42 -30.87
N GLY B 110 14.31 7.26 -30.59
CA GLY B 110 13.81 5.99 -30.09
C GLY B 110 12.82 6.12 -28.95
N ALA B 111 12.44 7.33 -28.60
CA ALA B 111 11.49 7.55 -27.51
C ALA B 111 10.11 6.98 -27.87
N HIS B 112 9.39 6.54 -26.84
CA HIS B 112 8.08 5.92 -27.01
C HIS B 112 6.92 6.80 -26.58
N ILE B 113 7.10 7.62 -25.55
CA ILE B 113 6.02 8.42 -24.99
C ILE B 113 6.50 9.86 -24.87
N ILE B 114 5.64 10.81 -25.24
CA ILE B 114 5.87 12.23 -25.03
C ILE B 114 5.14 12.62 -23.76
N ASN B 115 5.88 12.86 -22.68
CA ASN B 115 5.32 13.16 -21.37
C ASN B 115 5.65 14.61 -21.01
N ASP B 116 5.07 15.54 -21.76
CA ASP B 116 5.30 16.96 -21.52
C ASP B 116 4.59 17.40 -20.24
N ILE B 117 5.28 18.21 -19.44
CA ILE B 117 4.70 18.70 -18.19
C ILE B 117 3.71 19.82 -18.45
N ARG B 118 3.77 20.47 -19.61
CA ARG B 118 2.85 21.54 -19.98
C ARG B 118 1.76 21.08 -20.94
N SER B 119 1.67 19.77 -21.20
CA SER B 119 0.62 19.20 -22.04
C SER B 119 0.64 19.79 -23.45
N LEU B 120 1.84 19.99 -23.99
CA LEU B 120 2.05 20.43 -25.36
C LEU B 120 1.41 21.80 -25.63
N THR B 121 1.34 22.65 -24.61
CA THR B 121 0.78 23.98 -24.76
C THR B 121 1.82 25.01 -25.19
N GLU B 122 3.01 24.58 -25.58
CA GLU B 122 4.04 25.48 -26.06
C GLU B 122 3.96 25.64 -27.57
N PRO B 123 4.47 26.74 -28.12
CA PRO B 123 4.39 26.97 -29.57
C PRO B 123 4.98 25.83 -30.40
N GLY B 124 4.12 25.15 -31.15
CA GLY B 124 4.53 24.10 -32.05
C GLY B 124 4.66 22.72 -31.43
N ALA B 125 4.60 22.62 -30.10
CA ALA B 125 4.77 21.32 -29.45
C ALA B 125 3.65 20.37 -29.81
N LEU B 126 2.40 20.85 -29.82
CA LEU B 126 1.27 20.00 -30.17
C LEU B 126 1.38 19.51 -31.61
N GLN B 127 1.81 20.38 -32.52
CA GLN B 127 1.95 19.97 -33.92
C GLN B 127 3.10 19.00 -34.10
N ALA B 128 4.22 19.22 -33.39
CA ALA B 128 5.36 18.33 -33.51
C ALA B 128 5.04 16.94 -32.97
N ALA B 129 4.34 16.87 -31.82
CA ALA B 129 3.96 15.58 -31.27
C ALA B 129 2.95 14.86 -32.17
N ALA B 130 2.15 15.62 -32.92
CA ALA B 130 1.22 14.99 -33.86
C ALA B 130 1.97 14.36 -35.03
N GLU B 131 3.14 14.91 -35.41
CA GLU B 131 3.92 14.32 -36.49
C GLU B 131 4.56 13.00 -36.05
N THR B 132 4.92 12.88 -34.79
CA THR B 132 5.61 11.68 -34.33
C THR B 132 4.67 10.48 -34.29
N GLY B 133 3.40 10.71 -33.97
CA GLY B 133 2.46 9.63 -33.78
C GLY B 133 2.64 8.84 -32.50
N LEU B 134 3.40 9.36 -31.53
CA LEU B 134 3.67 8.69 -30.28
C LEU B 134 2.58 8.98 -29.25
N PRO B 135 2.39 8.10 -28.27
CA PRO B 135 1.46 8.40 -27.18
C PRO B 135 1.87 9.66 -26.44
N VAL B 136 0.85 10.39 -25.97
CA VAL B 136 1.04 11.66 -25.28
C VAL B 136 0.33 11.58 -23.93
N CYS B 137 0.97 12.11 -22.89
CA CYS B 137 0.41 12.13 -21.55
C CYS B 137 -0.02 13.54 -21.19
N LEU B 138 -1.31 13.73 -20.95
CA LEU B 138 -1.85 15.01 -20.52
C LEU B 138 -1.90 15.06 -19.00
N MSE B 139 -1.33 16.11 -18.41
CA MSE B 139 -1.31 16.26 -16.97
C MSE B 139 -1.94 17.57 -16.53
O MSE B 139 -1.64 18.63 -17.09
CB MSE B 139 0.11 16.17 -16.43
CG MSE B 139 0.18 16.16 -14.92
SE MSE B 139 1.97 16.49 -14.23
CE MSE B 139 2.04 18.42 -14.54
N HIS B 140 -2.80 17.51 -15.53
CA HIS B 140 -3.46 18.72 -15.01
C HIS B 140 -2.43 19.66 -14.40
N MSE B 141 -2.58 20.94 -14.71
CA MSE B 141 -1.61 21.96 -14.32
C MSE B 141 -2.32 23.22 -13.83
O MSE B 141 -3.37 23.60 -14.36
CB MSE B 141 -0.70 22.30 -15.50
CG MSE B 141 0.39 23.33 -15.22
SE MSE B 141 1.99 22.58 -14.39
CE MSE B 141 3.13 24.15 -14.41
N GLN B 142 -1.75 23.87 -12.82
CA GLN B 142 -2.29 25.14 -12.32
C GLN B 142 -1.17 26.04 -11.79
N LYS B 153 -5.84 27.30 -5.96
CA LYS B 153 -7.13 27.14 -5.30
C LYS B 153 -8.21 26.71 -6.29
N TYR B 154 -9.08 25.80 -5.87
CA TYR B 154 -10.10 25.23 -6.74
C TYR B 154 -11.46 25.26 -6.05
N GLU B 155 -12.50 25.19 -6.86
CA GLU B 155 -13.87 25.05 -6.37
C GLU B 155 -14.21 23.59 -6.09
N ASP B 156 -13.58 22.67 -6.83
CA ASP B 156 -13.79 21.24 -6.73
C ASP B 156 -12.72 20.58 -7.59
N VAL B 157 -11.57 20.27 -6.97
CA VAL B 157 -10.37 19.93 -7.74
C VAL B 157 -10.63 18.75 -8.68
N PHE B 158 -11.52 17.84 -8.31
CA PHE B 158 -11.86 16.75 -9.22
C PHE B 158 -12.55 17.27 -10.48
N ALA B 159 -13.50 18.20 -10.30
CA ALA B 159 -14.19 18.77 -11.46
C ALA B 159 -13.24 19.58 -12.34
N ASP B 160 -12.25 20.24 -11.74
CA ASP B 160 -11.28 21.00 -12.53
C ASP B 160 -10.37 20.07 -13.32
N VAL B 161 -9.89 19.00 -12.69
CA VAL B 161 -9.05 18.05 -13.41
C VAL B 161 -9.84 17.36 -14.51
N GLU B 162 -11.11 17.03 -14.23
CA GLU B 162 -11.99 16.53 -15.28
C GLU B 162 -12.14 17.55 -16.41
N ARG B 163 -12.32 18.83 -16.05
CA ARG B 163 -12.46 19.87 -17.06
C ARG B 163 -11.17 20.01 -17.87
N PHE B 164 -10.02 19.93 -17.20
CA PHE B 164 -8.74 19.99 -17.90
C PHE B 164 -8.60 18.83 -18.87
N PHE B 165 -9.02 17.63 -18.47
CA PHE B 165 -8.88 16.46 -19.33
C PHE B 165 -9.75 16.57 -20.58
N ASN B 166 -10.96 17.10 -20.44
CA ASN B 166 -11.86 17.19 -21.59
C ASN B 166 -11.39 18.24 -22.59
N GLU B 167 -10.89 19.38 -22.10
CA GLU B 167 -10.45 20.44 -23.00
C GLU B 167 -9.25 20.00 -23.83
N HIS B 168 -8.29 19.32 -23.21
CA HIS B 168 -7.06 18.97 -23.91
C HIS B 168 -7.18 17.68 -24.72
N ILE B 169 -8.11 16.79 -24.37
CA ILE B 169 -8.40 15.65 -25.23
C ILE B 169 -8.93 16.12 -26.57
N VAL B 170 -9.83 17.12 -26.55
CA VAL B 170 -10.32 17.70 -27.79
C VAL B 170 -9.21 18.47 -28.50
N ARG B 171 -8.37 19.18 -27.74
CA ARG B 171 -7.29 19.94 -28.34
C ARG B 171 -6.29 19.04 -29.04
N CYS B 172 -6.12 17.80 -28.54
CA CYS B 172 -5.23 16.85 -29.22
C CYS B 172 -5.93 16.17 -30.39
N GLU B 173 -7.23 15.91 -30.25
CA GLU B 173 -7.98 15.33 -31.36
C GLU B 173 -8.12 16.32 -32.51
N GLN B 174 -8.08 17.62 -32.22
CA GLN B 174 -8.10 18.61 -33.30
C GLN B 174 -6.82 18.57 -34.12
N ALA B 175 -5.69 18.29 -33.48
CA ALA B 175 -4.40 18.23 -34.15
C ALA B 175 -4.09 16.87 -34.74
N GLY B 176 -5.10 16.00 -34.86
CA GLY B 176 -4.90 14.69 -35.45
C GLY B 176 -4.42 13.61 -34.50
N ILE B 177 -4.14 13.95 -33.24
CA ILE B 177 -3.71 12.97 -32.26
C ILE B 177 -4.93 12.18 -31.81
N ALA B 178 -4.97 10.89 -32.17
CA ALA B 178 -6.12 10.06 -31.83
C ALA B 178 -6.19 9.83 -30.33
N LYS B 179 -7.40 9.48 -29.86
CA LYS B 179 -7.60 9.20 -28.45
C LYS B 179 -6.81 7.98 -27.99
N GLU B 180 -6.59 7.02 -28.89
CA GLU B 180 -5.90 5.78 -28.54
C GLU B 180 -4.48 6.02 -28.02
N LYS B 181 -3.87 7.16 -28.37
CA LYS B 181 -2.50 7.47 -27.99
C LYS B 181 -2.45 8.60 -26.96
N LEU B 182 -3.33 8.55 -25.96
CA LEU B 182 -3.39 9.57 -24.93
C LEU B 182 -3.30 8.94 -23.56
N LEU B 183 -2.67 9.67 -22.64
CA LEU B 183 -2.58 9.28 -21.24
C LEU B 183 -3.02 10.45 -20.37
N LEU B 184 -3.64 10.13 -19.24
CA LEU B 184 -4.14 11.14 -18.31
C LEU B 184 -3.36 11.08 -17.01
N ASP B 185 -3.02 12.25 -16.49
CA ASP B 185 -2.29 12.39 -15.23
C ASP B 185 -2.95 13.49 -14.40
N PRO B 186 -3.44 13.16 -13.19
CA PRO B 186 -4.09 14.19 -12.37
C PRO B 186 -3.16 15.29 -11.92
N GLY B 187 -1.86 15.07 -11.91
CA GLY B 187 -0.91 16.09 -11.53
C GLY B 187 -0.82 16.31 -10.02
N PHE B 188 -0.43 15.28 -9.29
CA PHE B 188 -0.27 15.40 -7.85
C PHE B 188 0.86 16.36 -7.51
N GLY B 189 0.56 17.35 -6.68
CA GLY B 189 1.57 18.29 -6.20
C GLY B 189 1.86 19.47 -7.10
N PHE B 190 1.09 19.66 -8.17
CA PHE B 190 1.29 20.78 -9.09
C PHE B 190 0.09 21.71 -8.97
N GLY B 191 0.28 22.79 -8.21
CA GLY B 191 -0.81 23.73 -7.97
C GLY B 191 -1.87 23.21 -7.03
N LYS B 192 -1.57 22.20 -6.23
CA LYS B 192 -2.54 21.60 -5.31
C LYS B 192 -1.93 21.49 -3.92
N ASN B 193 -2.76 21.73 -2.91
CA ASN B 193 -2.34 21.57 -1.52
C ASN B 193 -2.51 20.12 -1.10
N LEU B 194 -2.29 19.84 0.19
CA LEU B 194 -2.39 18.46 0.67
C LEU B 194 -3.83 17.94 0.58
N SER B 195 -4.81 18.82 0.77
CA SER B 195 -6.21 18.38 0.69
C SER B 195 -6.60 18.05 -0.74
N HIS B 196 -6.20 18.87 -1.70
CA HIS B 196 -6.55 18.62 -3.10
C HIS B 196 -5.94 17.32 -3.59
N ASN B 197 -4.71 17.02 -3.16
CA ASN B 197 -4.03 15.82 -3.65
C ASN B 197 -4.72 14.55 -3.18
N TYR B 198 -5.10 14.48 -1.89
CA TYR B 198 -5.73 13.28 -1.37
C TYR B 198 -7.18 13.15 -1.79
N GLN B 199 -7.83 14.24 -2.21
CA GLN B 199 -9.14 14.13 -2.83
C GLN B 199 -9.03 13.46 -4.20
N LEU B 200 -7.96 13.74 -4.93
CA LEU B 200 -7.74 13.06 -6.21
C LEU B 200 -7.28 11.63 -6.00
N LEU B 201 -6.46 11.39 -4.97
CA LEU B 201 -6.01 10.04 -4.68
C LEU B 201 -7.17 9.16 -4.23
N ALA B 202 -8.12 9.73 -3.47
CA ALA B 202 -9.27 8.95 -3.00
C ALA B 202 -10.21 8.61 -4.15
N ARG B 203 -10.31 9.48 -5.16
CA ARG B 203 -11.22 9.28 -6.29
C ARG B 203 -10.46 9.03 -7.59
N LEU B 204 -9.26 8.47 -7.49
CA LEU B 204 -8.43 8.30 -8.68
C LEU B 204 -9.07 7.33 -9.67
N GLY B 205 -9.71 6.27 -9.16
CA GLY B 205 -10.35 5.30 -10.04
C GLY B 205 -11.51 5.87 -10.84
N GLU B 206 -12.08 6.99 -10.39
CA GLU B 206 -13.19 7.59 -11.12
C GLU B 206 -12.76 8.21 -12.44
N PHE B 207 -11.46 8.48 -12.61
CA PHE B 207 -10.96 9.01 -13.89
C PHE B 207 -10.92 7.96 -14.98
N HIS B 208 -11.26 6.71 -14.69
CA HIS B 208 -11.25 5.66 -15.70
C HIS B 208 -12.39 5.78 -16.70
N HIS B 209 -13.34 6.71 -16.49
CA HIS B 209 -14.45 6.84 -17.42
C HIS B 209 -14.03 7.43 -18.75
N PHE B 210 -12.85 8.07 -18.81
CA PHE B 210 -12.32 8.55 -20.08
C PHE B 210 -11.87 7.43 -21.00
N GLY B 211 -11.72 6.22 -20.48
CA GLY B 211 -11.22 5.13 -21.29
C GLY B 211 -9.76 5.20 -21.65
N LEU B 212 -8.98 5.97 -20.90
CA LEU B 212 -7.57 6.19 -21.17
C LEU B 212 -6.71 5.68 -20.01
N PRO B 213 -5.45 5.35 -20.28
CA PRO B 213 -4.56 4.95 -19.19
C PRO B 213 -4.30 6.10 -18.22
N LEU B 214 -4.02 5.74 -16.98
CA LEU B 214 -3.74 6.71 -15.93
C LEU B 214 -2.29 6.60 -15.50
N LEU B 215 -1.59 7.73 -15.48
CA LEU B 215 -0.23 7.84 -14.98
C LEU B 215 -0.24 8.76 -13.78
N VAL B 216 0.38 8.32 -12.68
CA VAL B 216 0.44 9.09 -11.46
C VAL B 216 1.88 9.18 -10.98
N GLY B 217 2.27 10.36 -10.50
CA GLY B 217 3.58 10.55 -9.93
C GLY B 217 3.50 11.15 -8.55
N MSE B 218 3.87 10.37 -7.53
CA MSE B 218 3.68 10.79 -6.15
C MSE B 218 4.91 10.52 -5.29
O MSE B 218 4.89 10.75 -4.08
CB MSE B 218 2.48 10.05 -5.55
CG MSE B 218 1.15 10.39 -6.22
SE MSE B 218 -0.24 9.13 -5.71
CE MSE B 218 0.54 7.51 -6.51
N SER B 219 5.98 10.03 -5.92
CA SER B 219 7.16 9.61 -5.17
C SER B 219 7.87 10.81 -4.55
N ARG B 220 8.08 10.74 -3.23
CA ARG B 220 8.87 11.73 -2.49
C ARG B 220 8.30 13.13 -2.62
N LYS B 221 6.98 13.25 -2.74
CA LYS B 221 6.33 14.54 -2.93
C LYS B 221 5.85 15.11 -1.60
N SER B 222 5.25 16.30 -1.67
CA SER B 222 4.86 17.01 -0.46
C SER B 222 3.63 16.40 0.22
N MSE B 223 2.90 15.53 -0.48
CA MSE B 223 1.78 14.83 0.15
C MSE B 223 2.32 13.96 1.27
O MSE B 223 1.76 13.92 2.37
CB MSE B 223 1.03 13.95 -0.85
CG MSE B 223 0.70 14.59 -2.17
SE MSE B 223 -0.04 13.23 -3.35
CE MSE B 223 1.16 11.79 -2.84
N VAL B 224 3.42 13.26 0.99
CA VAL B 224 4.05 12.43 2.00
C VAL B 224 4.86 13.28 2.97
N GLY B 225 5.47 14.36 2.49
CA GLY B 225 6.30 15.18 3.37
C GLY B 225 5.48 15.96 4.38
N GLN B 226 4.46 16.68 3.92
CA GLN B 226 3.66 17.51 4.82
C GLN B 226 2.87 16.64 5.79
N LEU B 227 2.32 15.52 5.32
CA LEU B 227 1.48 14.68 6.17
C LEU B 227 2.31 13.98 7.25
N LEU B 228 3.50 13.51 6.88
CA LEU B 228 4.36 12.76 7.80
C LEU B 228 5.39 13.63 8.50
N ASN B 229 5.61 14.86 8.03
CA ASN B 229 6.58 15.79 8.61
C ASN B 229 7.98 15.17 8.63
N VAL B 230 8.41 14.75 7.45
CA VAL B 230 9.71 14.10 7.27
C VAL B 230 10.43 14.73 6.08
N GLY B 231 11.74 14.48 6.02
CA GLY B 231 12.56 14.99 4.95
C GLY B 231 12.30 14.27 3.64
N PRO B 232 12.87 14.78 2.55
CA PRO B 232 12.64 14.16 1.23
C PRO B 232 13.26 12.77 1.09
N SER B 233 14.09 12.34 2.04
CA SER B 233 14.69 11.01 2.01
C SER B 233 13.97 10.02 2.91
N GLU B 234 12.99 10.47 3.69
CA GLU B 234 12.26 9.63 4.61
C GLU B 234 10.80 9.44 4.19
N ARG B 235 10.53 9.55 2.89
CA ARG B 235 9.18 9.50 2.36
C ARG B 235 8.87 8.21 1.60
N LEU B 236 9.73 7.19 1.74
CA LEU B 236 9.51 5.96 1.00
C LEU B 236 8.28 5.21 1.49
N ASN B 237 8.07 5.18 2.81
CA ASN B 237 6.93 4.44 3.36
C ASN B 237 5.61 5.04 2.89
N GLY B 238 5.51 6.37 2.87
CA GLY B 238 4.28 6.99 2.40
C GLY B 238 4.15 6.92 0.89
N SER B 239 5.27 7.03 0.16
CA SER B 239 5.23 6.92 -1.30
C SER B 239 4.84 5.52 -1.74
N LEU B 240 5.29 4.49 -1.02
CA LEU B 240 4.84 3.14 -1.31
C LEU B 240 3.35 2.99 -1.07
N ALA B 241 2.83 3.63 -0.01
CA ALA B 241 1.40 3.59 0.25
C ALA B 241 0.62 4.29 -0.85
N CYS B 242 1.12 5.44 -1.32
CA CYS B 242 0.46 6.14 -2.41
C CYS B 242 0.47 5.31 -3.68
N ALA B 243 1.59 4.63 -3.97
CA ALA B 243 1.66 3.79 -5.16
C ALA B 243 0.71 2.61 -5.06
N VAL B 244 0.58 2.01 -3.88
CA VAL B 244 -0.34 0.90 -3.71
C VAL B 244 -1.78 1.37 -3.83
N ILE B 245 -2.12 2.47 -3.16
CA ILE B 245 -3.48 3.01 -3.22
C ILE B 245 -3.86 3.32 -4.67
N ALA B 246 -2.93 3.85 -5.44
CA ALA B 246 -3.20 4.13 -6.84
C ALA B 246 -3.36 2.84 -7.65
N ALA B 247 -2.49 1.87 -7.42
CA ALA B 247 -2.57 0.62 -8.18
C ALA B 247 -3.83 -0.17 -7.84
N MSE B 248 -4.36 0.01 -6.63
N MSE B 248 -4.38 0.01 -6.64
CA MSE B 248 -5.60 -0.66 -6.24
CA MSE B 248 -5.60 -0.68 -6.26
C MSE B 248 -6.78 -0.15 -7.06
C MSE B 248 -6.82 -0.11 -6.97
O MSE B 248 -7.77 -0.86 -7.25
O MSE B 248 -7.87 -0.75 -7.02
CB MSE B 248 -5.88 -0.44 -4.75
CB MSE B 248 -5.79 -0.59 -4.74
CG MSE B 248 -4.97 -1.18 -3.81
CG MSE B 248 -4.78 -1.40 -3.95
SE MSE B 248 -5.47 -0.82 -1.95
SE MSE B 248 -5.11 -3.31 -4.05
CE MSE B 248 -7.31 -1.48 -2.03
CE MSE B 248 -6.54 -3.42 -2.75
N GLN B 249 -6.66 1.08 -7.54
CA GLN B 249 -7.72 1.72 -8.29
C GLN B 249 -7.50 1.63 -9.80
N GLY B 250 -6.55 0.83 -10.24
CA GLY B 250 -6.35 0.59 -11.66
C GLY B 250 -5.35 1.50 -12.34
N ALA B 251 -4.56 2.26 -11.59
CA ALA B 251 -3.55 3.12 -12.21
C ALA B 251 -2.52 2.26 -12.96
N GLN B 252 -2.33 2.55 -14.24
CA GLN B 252 -1.55 1.68 -15.09
C GLN B 252 -0.05 1.94 -14.96
N ILE B 253 0.35 3.19 -14.75
CA ILE B 253 1.76 3.55 -14.68
C ILE B 253 1.99 4.36 -13.40
N ILE B 254 2.99 3.94 -12.62
CA ILE B 254 3.37 4.63 -11.39
C ILE B 254 4.78 5.15 -11.56
N ARG B 255 4.93 6.48 -11.52
CA ARG B 255 6.24 7.12 -11.69
C ARG B 255 6.86 7.29 -10.31
N VAL B 256 7.99 6.60 -10.07
CA VAL B 256 8.62 6.58 -8.76
C VAL B 256 10.12 6.79 -8.91
N HIS B 257 10.76 7.16 -7.80
CA HIS B 257 12.22 7.19 -7.70
C HIS B 257 12.77 5.86 -7.23
N ASP B 258 12.06 5.19 -6.31
CA ASP B 258 12.49 3.92 -5.72
C ASP B 258 11.80 2.80 -6.47
N VAL B 259 12.44 2.31 -7.52
CA VAL B 259 11.81 1.32 -8.40
C VAL B 259 11.71 -0.03 -7.71
N LYS B 260 12.81 -0.48 -7.10
CA LYS B 260 12.84 -1.81 -6.50
C LYS B 260 11.76 -1.97 -5.44
N GLU B 261 11.61 -0.97 -4.56
CA GLU B 261 10.59 -1.06 -3.52
C GLU B 261 9.18 -0.97 -4.09
N THR B 262 9.00 -0.19 -5.17
CA THR B 262 7.67 -0.04 -5.74
C THR B 262 7.24 -1.29 -6.50
N VAL B 263 8.18 -1.90 -7.24
CA VAL B 263 7.87 -3.13 -7.96
C VAL B 263 7.44 -4.23 -6.99
N GLU B 264 8.12 -4.33 -5.86
CA GLU B 264 7.75 -5.33 -4.85
C GLU B 264 6.39 -5.02 -4.25
N ALA B 265 6.07 -3.73 -4.08
CA ALA B 265 4.76 -3.38 -3.54
C ALA B 265 3.65 -3.65 -4.55
N LEU B 266 3.87 -3.29 -5.82
CA LEU B 266 2.87 -3.55 -6.85
C LEU B 266 2.72 -5.04 -7.14
N ARG B 267 3.74 -5.85 -6.86
N ARG B 267 3.74 -5.84 -6.86
CA ARG B 267 3.62 -7.29 -7.03
CA ARG B 267 3.63 -7.29 -7.03
C ARG B 267 2.56 -7.86 -6.11
C ARG B 267 2.57 -7.87 -6.10
N VAL B 268 2.47 -7.33 -4.89
CA VAL B 268 1.42 -7.77 -3.97
C VAL B 268 0.06 -7.27 -4.43
N VAL B 269 0.02 -6.07 -5.02
CA VAL B 269 -1.25 -5.55 -5.55
C VAL B 269 -1.72 -6.39 -6.72
N GLU B 270 -0.79 -6.83 -7.58
CA GLU B 270 -1.16 -7.67 -8.71
C GLU B 270 -1.72 -9.01 -8.24
N ALA B 271 -1.12 -9.59 -7.19
CA ALA B 271 -1.64 -10.85 -6.66
C ALA B 271 -3.00 -10.66 -6.02
N THR B 272 -3.22 -9.51 -5.37
CA THR B 272 -4.52 -9.25 -4.75
C THR B 272 -5.60 -9.05 -5.81
N LEU B 273 -5.29 -8.26 -6.85
CA LEU B 273 -6.28 -8.03 -7.91
C LEU B 273 -6.53 -9.29 -8.73
N ALA B 274 -5.53 -10.17 -8.83
CA ALA B 274 -5.72 -11.42 -9.57
C ALA B 274 -6.69 -12.34 -8.83
N ALA B 275 -6.58 -12.43 -7.51
CA ALA B 275 -7.50 -13.23 -6.72
C ALA B 275 -8.89 -12.61 -6.62
N LYS B 276 -9.06 -11.37 -7.07
CA LYS B 276 -10.34 -10.68 -7.03
C LYS B 276 -11.14 -10.87 -8.32
N GLY B 277 -10.46 -11.07 -9.44
CA GLY B 277 -11.09 -11.16 -10.76
C GLY B 277 -11.35 -9.81 -11.40
N LYS B 278 -11.75 -8.82 -10.59
CA LYS B 278 -11.94 -7.47 -11.08
C LYS B 278 -10.57 -6.80 -11.29
N LYS B 279 -10.61 -5.55 -11.77
CA LYS B 279 -9.38 -4.83 -12.08
C LYS B 279 -9.05 -3.75 -11.06
N ARG B 280 -9.99 -3.35 -10.21
CA ARG B 280 -9.74 -2.25 -9.29
C ARG B 280 -10.76 -2.28 -8.17
N TYR B 281 -10.49 -1.47 -7.15
CA TYR B 281 -11.38 -1.25 -6.02
C TYR B 281 -12.04 0.12 -6.16
N GLU B 282 -13.26 0.24 -5.64
CA GLU B 282 -14.00 1.49 -5.72
C GLU B 282 -14.87 1.70 -4.48
C1 GOL C . 5.29 14.06 -13.43
O1 GOL C . 6.43 14.87 -13.57
C2 GOL C . 5.11 13.67 -11.98
O2 GOL C . 6.04 14.39 -11.19
C3 GOL C . 3.70 14.00 -11.53
O3 GOL C . 2.80 13.02 -12.03
#